data_7BXG
#
_entry.id   7BXG
#
_cell.length_a   150.527
_cell.length_b   150.527
_cell.length_c   58.372
_cell.angle_alpha   90.000
_cell.angle_beta   90.000
_cell.angle_gamma   120.000
#
_symmetry.space_group_name_H-M   'P 65'
#
loop_
_entity.id
_entity.type
_entity.pdbx_description
1 polymer MavC
2 polymer 'Ubiquitin-conjugating enzyme E2 N'
3 polymer Polyubiquitin-C
4 water water
#
loop_
_entity_poly.entity_id
_entity_poly.type
_entity_poly.pdbx_seq_one_letter_code
_entity_poly.pdbx_strand_id
1 'polypeptide(L)'
;SMTTSKLEKTGLHVHEKIKHMVKNYGTMITGIPAEILGQNEAEISVGYVKKMGNMKENIAEVVRKSEMTQPTNSCGKASN
EVCDLLLGTEGASEFEKSSYQVLSGDGSNLKGSLPNKNLLVRVEMDRFNAPQKYQKIKREEFNPETAEKNKIYLLEDQLV
YLDIFGKVIDLGQTSDTCHRLFNAITTPFYQNYILYDEYIDPEESAEEAAMFEMGEIVKAKMKNIDCWTATHSFTIFVPE
SDSEDTRTLYPYQAYWTSHTLQQWFSGDKDEKLSRLGIDGYIEKLALLGTTTDSKIRSSIYGELFSPPGKEHVFCTGMNE
KFSPLRVKFKVTEVNPEIALQNLEEVQEFIDTNYPGENAKDQCELYKIKAQEAMTKQLEMRLLIEP
;
A
2 'polypeptide(L)'
;SMAGLPRRIIKETQRLLAEPVPGIKAEPDESNARYFHVVIAGPQDSPFEGGTFKLELFLPEEYPMAAPKVRFMTKIYHPN
VDKLGRICLDILKDKWSPALQIRTVLLSIQALLSAPNPDDPLANDVAEQWKTNEAQAIETARAWTRLYAMNNI
;
B
3 'polypeptide(L)' SMQIFVKTLTGKTITLEVEPSDTIENVKAKIQDKEGIPPDQQRLIFAGKQLEDGRTLSDYNIQKESTLHLVLRLRGG D
#
# COMPACT_ATOMS: atom_id res chain seq x y z
N LYS A 9 38.18 6.08 0.81
CA LYS A 9 36.98 6.15 -0.02
C LYS A 9 36.65 4.77 -0.57
N THR A 10 35.94 3.99 0.26
CA THR A 10 35.61 2.61 -0.02
C THR A 10 34.12 2.51 -0.34
N GLY A 11 33.73 1.44 -1.04
CA GLY A 11 32.32 1.18 -1.22
C GLY A 11 31.60 0.90 0.08
N LEU A 12 32.25 0.19 0.99
CA LEU A 12 31.71 -0.02 2.33
C LEU A 12 31.69 1.27 3.13
N HIS A 13 32.60 2.20 2.86
CA HIS A 13 32.53 3.51 3.48
C HIS A 13 31.34 4.29 2.95
N VAL A 14 30.94 4.04 1.71
CA VAL A 14 29.76 4.69 1.16
C VAL A 14 28.51 4.18 1.85
N HIS A 15 28.41 2.86 2.04
CA HIS A 15 27.28 2.30 2.77
C HIS A 15 27.21 2.84 4.18
N GLU A 16 28.38 2.98 4.83
CA GLU A 16 28.42 3.46 6.20
C GLU A 16 28.14 4.95 6.32
N LYS A 17 28.36 5.73 5.25
CA LYS A 17 28.07 7.15 5.32
C LYS A 17 26.59 7.43 5.08
N ILE A 18 26.00 6.81 4.05
CA ILE A 18 24.59 7.07 3.76
C ILE A 18 23.69 6.49 4.86
N LYS A 19 24.07 5.33 5.41
CA LYS A 19 23.28 4.76 6.50
C LYS A 19 23.35 5.62 7.75
N HIS A 20 24.54 6.16 8.04
CA HIS A 20 24.68 7.01 9.21
C HIS A 20 24.02 8.37 9.01
N MET A 21 24.00 8.87 7.78
CA MET A 21 23.39 10.17 7.52
C MET A 21 21.87 10.08 7.44
N VAL A 22 21.34 9.05 6.77
CA VAL A 22 19.90 8.84 6.77
C VAL A 22 19.39 8.53 8.17
N LYS A 23 20.21 7.85 8.98
CA LYS A 23 19.80 7.50 10.33
C LYS A 23 19.64 8.73 11.22
N ASN A 24 20.44 9.76 10.99
CA ASN A 24 20.49 10.90 11.89
C ASN A 24 19.74 12.11 11.36
N TYR A 25 19.62 12.29 10.05
CA TYR A 25 19.07 13.51 9.50
C TYR A 25 17.73 13.33 8.80
N GLY A 26 17.29 12.10 8.58
CA GLY A 26 15.96 11.85 8.05
C GLY A 26 15.73 12.50 6.70
N THR A 27 14.68 13.32 6.62
CA THR A 27 14.30 13.96 5.36
C THR A 27 15.34 14.97 4.90
N MET A 28 16.18 15.48 5.80
CA MET A 28 17.21 16.44 5.41
C MET A 28 18.24 15.84 4.46
N ILE A 29 18.26 14.52 4.30
CA ILE A 29 19.13 13.88 3.32
C ILE A 29 18.84 14.42 1.93
N THR A 30 17.57 14.68 1.63
CA THR A 30 17.17 15.13 0.30
C THR A 30 17.61 16.56 -0.01
N GLY A 31 18.13 17.30 0.96
CA GLY A 31 18.66 18.62 0.69
C GLY A 31 17.64 19.68 0.39
N ILE A 32 16.38 19.48 0.78
CA ILE A 32 15.36 20.50 0.58
C ILE A 32 15.41 21.48 1.74
N PRO A 33 15.43 22.79 1.49
CA PRO A 33 15.38 23.75 2.59
C PRO A 33 14.03 23.72 3.29
N ALA A 34 14.05 23.95 4.61
CA ALA A 34 12.84 23.80 5.41
C ALA A 34 11.78 24.81 5.02
N GLU A 35 12.19 25.97 4.48
CA GLU A 35 11.23 26.99 4.09
C GLU A 35 10.26 26.48 3.02
N ILE A 36 10.75 25.67 2.08
CA ILE A 36 9.88 25.18 1.02
C ILE A 36 8.97 24.06 1.52
N LEU A 37 9.43 23.26 2.50
CA LEU A 37 8.54 22.29 3.12
C LEU A 37 7.38 22.99 3.83
N GLY A 38 7.67 24.06 4.55
CA GLY A 38 6.62 24.80 5.24
C GLY A 38 5.67 25.49 4.27
N GLN A 39 6.21 26.03 3.17
CA GLN A 39 5.37 26.73 2.20
C GLN A 39 4.44 25.77 1.48
N ASN A 40 4.98 24.65 0.99
CA ASN A 40 4.14 23.68 0.31
C ASN A 40 3.14 23.03 1.25
N GLU A 41 3.56 22.76 2.49
CA GLU A 41 2.63 22.21 3.47
C GLU A 41 1.50 23.19 3.79
N ALA A 42 1.83 24.47 3.92
CA ALA A 42 0.80 25.48 4.13
C ALA A 42 -0.18 25.56 2.96
N GLU A 43 0.32 25.37 1.74
CA GLU A 43 -0.57 25.42 0.57
C GLU A 43 -1.61 24.31 0.61
N ILE A 44 -1.18 23.09 0.94
CA ILE A 44 -2.08 21.94 0.93
C ILE A 44 -2.85 21.78 2.24
N SER A 45 -2.57 22.59 3.25
CA SER A 45 -3.21 22.46 4.55
C SER A 45 -4.06 23.67 4.94
N VAL A 46 -4.23 24.63 4.04
CA VAL A 46 -4.92 25.87 4.40
C VAL A 46 -6.38 25.59 4.75
N GLY A 47 -7.00 24.64 4.06
CA GLY A 47 -8.41 24.35 4.30
C GLY A 47 -8.69 23.69 5.64
N TYR A 48 -7.66 23.17 6.31
CA TYR A 48 -7.85 22.51 7.59
C TYR A 48 -7.94 23.47 8.76
N VAL A 49 -7.66 24.77 8.55
CA VAL A 49 -7.63 25.72 9.65
C VAL A 49 -9.05 26.20 9.95
N LYS A 50 -9.42 26.18 11.22
CA LYS A 50 -10.70 26.73 11.65
C LYS A 50 -10.79 28.20 11.24
N LYS A 51 -11.99 28.62 10.84
CA LYS A 51 -12.20 29.95 10.29
C LYS A 51 -12.61 30.99 11.34
N MET A 52 -13.03 30.56 12.53
CA MET A 52 -13.58 31.46 13.52
C MET A 52 -12.76 31.42 14.80
N GLY A 53 -12.72 32.55 15.50
CA GLY A 53 -11.97 32.67 16.72
C GLY A 53 -10.55 33.15 16.51
N ASN A 54 -9.65 32.75 17.40
CA ASN A 54 -8.26 33.18 17.36
C ASN A 54 -7.53 32.47 16.21
N MET A 55 -7.26 33.22 15.14
CA MET A 55 -6.61 32.61 13.99
C MET A 55 -5.16 32.21 14.29
N LYS A 56 -4.51 32.90 15.22
CA LYS A 56 -3.16 32.52 15.62
C LYS A 56 -3.14 31.13 16.23
N GLU A 57 -4.14 30.80 17.06
CA GLU A 57 -4.20 29.48 17.66
C GLU A 57 -4.74 28.45 16.69
N ASN A 58 -5.65 28.83 15.80
CA ASN A 58 -6.16 27.90 14.80
C ASN A 58 -5.05 27.45 13.85
N ILE A 59 -4.20 28.38 13.42
CA ILE A 59 -3.05 28.01 12.61
C ILE A 59 -2.11 27.12 13.39
N ALA A 60 -1.82 27.49 14.64
CA ALA A 60 -0.88 26.73 15.47
C ALA A 60 -1.32 25.27 15.60
N GLU A 61 -2.62 25.04 15.81
CA GLU A 61 -3.12 23.68 15.94
C GLU A 61 -2.81 22.85 14.71
N VAL A 62 -2.90 23.45 13.53
CA VAL A 62 -2.63 22.70 12.29
C VAL A 62 -1.14 22.49 12.11
N VAL A 63 -0.31 23.47 12.47
CA VAL A 63 1.14 23.33 12.31
C VAL A 63 1.68 22.26 13.25
N ARG A 64 1.14 22.19 14.48
CA ARG A 64 1.55 21.15 15.41
C ARG A 64 1.25 19.76 14.85
N LYS A 65 0.06 19.61 14.26
CA LYS A 65 -0.40 18.29 13.72
C LYS A 65 0.26 17.95 12.38
N SER A 66 1.19 18.76 11.88
CA SER A 66 1.82 18.43 10.60
C SER A 66 3.03 17.53 10.79
N GLU A 67 3.25 16.66 9.81
CA GLU A 67 4.39 15.73 9.76
C GLU A 67 5.21 15.96 8.49
N MET A 68 5.28 17.22 8.06
CA MET A 68 6.03 17.57 6.86
C MET A 68 7.50 17.22 6.99
N THR A 69 8.06 17.31 8.20
CA THR A 69 9.47 17.03 8.41
C THR A 69 9.77 15.55 8.58
N GLN A 70 8.74 14.70 8.74
CA GLN A 70 8.98 13.27 8.81
C GLN A 70 9.40 12.75 7.43
N PRO A 71 10.36 11.84 7.36
CA PRO A 71 10.87 11.39 6.06
C PRO A 71 9.80 10.71 5.24
N THR A 72 10.05 10.64 3.92
CA THR A 72 9.15 9.95 3.02
C THR A 72 9.02 8.48 3.41
N ASN A 73 7.88 7.90 3.04
CA ASN A 73 7.74 6.46 3.12
C ASN A 73 7.20 5.85 1.83
N SER A 74 7.18 6.59 0.73
CA SER A 74 6.97 5.98 -0.57
C SER A 74 8.26 5.30 -1.02
N CYS A 75 8.15 4.02 -1.37
CA CYS A 75 9.34 3.25 -1.70
C CYS A 75 10.01 3.76 -2.97
N GLY A 76 9.22 4.15 -3.97
CA GLY A 76 9.80 4.73 -5.16
C GLY A 76 10.60 5.98 -4.87
N LYS A 77 10.09 6.83 -3.97
CA LYS A 77 10.83 8.02 -3.57
C LYS A 77 12.14 7.65 -2.89
N ALA A 78 12.09 6.69 -1.96
CA ALA A 78 13.31 6.26 -1.28
C ALA A 78 14.34 5.74 -2.27
N SER A 79 13.91 4.87 -3.20
CA SER A 79 14.82 4.39 -4.23
C SER A 79 15.37 5.53 -5.07
N ASN A 80 14.52 6.52 -5.37
CA ASN A 80 14.94 7.64 -6.21
C ASN A 80 16.06 8.43 -5.55
N GLU A 81 15.91 8.76 -4.26
CA GLU A 81 16.96 9.54 -3.61
C GLU A 81 18.17 8.70 -3.22
N VAL A 82 18.01 7.38 -3.05
CA VAL A 82 19.18 6.53 -2.89
C VAL A 82 19.99 6.51 -4.18
N CYS A 83 19.32 6.41 -5.33
CA CYS A 83 20.01 6.51 -6.62
C CYS A 83 20.59 7.90 -6.82
N ASP A 84 19.87 8.94 -6.38
CA ASP A 84 20.33 10.30 -6.60
C ASP A 84 21.50 10.70 -5.72
N LEU A 85 21.83 9.90 -4.71
CA LEU A 85 22.99 10.15 -3.85
C LEU A 85 24.20 9.35 -4.26
N LEU A 86 24.03 8.06 -4.57
CA LEU A 86 25.16 7.21 -4.91
C LEU A 86 25.65 7.44 -6.34
N LEU A 87 24.78 7.92 -7.23
CA LEU A 87 25.15 8.13 -8.63
C LEU A 87 25.18 9.59 -9.04
N GLY A 88 24.50 10.47 -8.31
CA GLY A 88 24.20 11.80 -8.82
C GLY A 88 22.95 11.79 -9.68
N THR A 89 22.40 12.98 -9.88
CA THR A 89 21.16 13.15 -10.69
C THR A 89 21.41 12.65 -12.12
N GLU A 90 22.51 13.07 -12.74
CA GLU A 90 22.83 12.65 -14.13
C GLU A 90 23.04 11.13 -14.18
N GLY A 91 23.73 10.58 -13.19
CA GLY A 91 24.00 9.15 -13.15
C GLY A 91 22.74 8.34 -12.90
N ALA A 92 21.82 8.88 -12.08
CA ALA A 92 20.55 8.21 -11.83
C ALA A 92 19.60 8.36 -13.01
N SER A 93 19.62 9.52 -13.65
CA SER A 93 18.81 9.76 -14.86
C SER A 93 19.24 8.72 -15.90
N GLU A 94 20.54 8.55 -16.08
CA GLU A 94 21.06 7.54 -16.99
C GLU A 94 20.71 6.14 -16.50
N PHE A 95 20.58 5.96 -15.18
CA PHE A 95 20.20 4.66 -14.65
C PHE A 95 18.72 4.38 -14.91
N GLU A 96 17.89 5.42 -14.97
CA GLU A 96 16.47 5.22 -15.23
C GLU A 96 16.21 4.71 -16.64
N LYS A 97 17.08 5.06 -17.59
CA LYS A 97 16.85 4.69 -18.98
C LYS A 97 17.07 3.20 -19.20
N SER A 98 17.89 2.55 -18.39
CA SER A 98 18.11 1.12 -18.51
C SER A 98 16.82 0.35 -18.23
N SER A 99 16.77 -0.89 -18.71
CA SER A 99 15.58 -1.72 -18.62
C SER A 99 15.70 -2.73 -17.48
N TYR A 100 14.55 -3.07 -16.91
CA TYR A 100 14.49 -4.07 -15.86
C TYR A 100 14.56 -5.47 -16.45
N GLN A 101 15.32 -6.34 -15.80
CA GLN A 101 15.34 -7.76 -16.12
C GLN A 101 14.45 -8.51 -15.14
N VAL A 102 13.62 -9.40 -15.67
CA VAL A 102 12.78 -10.24 -14.80
C VAL A 102 13.65 -11.32 -14.17
N LEU A 103 13.55 -11.46 -12.85
CA LEU A 103 14.33 -12.45 -12.14
C LEU A 103 13.96 -13.86 -12.58
N SER A 104 14.95 -14.63 -13.00
CA SER A 104 14.71 -16.00 -13.45
C SER A 104 14.20 -16.86 -12.29
N GLY A 105 13.78 -18.07 -12.64
CA GLY A 105 13.14 -18.93 -11.65
C GLY A 105 13.98 -19.18 -10.42
N ASP A 106 15.29 -19.29 -10.60
CA ASP A 106 16.20 -19.55 -9.49
C ASP A 106 17.18 -18.39 -9.26
N GLY A 107 16.89 -17.22 -9.84
CA GLY A 107 17.74 -16.07 -9.62
C GLY A 107 19.08 -16.13 -10.31
N SER A 108 19.19 -16.89 -11.40
CA SER A 108 20.48 -17.07 -12.06
C SER A 108 21.01 -15.76 -12.62
N ASN A 109 20.17 -15.02 -13.35
CA ASN A 109 20.64 -13.80 -14.02
C ASN A 109 21.12 -12.76 -13.02
N LEU A 110 20.57 -12.76 -11.80
CA LEU A 110 20.98 -11.76 -10.81
C LEU A 110 22.35 -12.09 -10.23
N LYS A 111 22.57 -13.35 -9.83
CA LYS A 111 23.89 -13.75 -9.35
C LYS A 111 24.96 -13.55 -10.43
N GLY A 112 24.60 -13.81 -11.69
CA GLY A 112 25.50 -13.54 -12.79
C GLY A 112 25.61 -12.09 -13.20
N SER A 113 24.94 -11.19 -12.48
CA SER A 113 24.98 -9.77 -12.78
C SER A 113 25.69 -8.97 -11.70
N LEU A 114 26.40 -9.62 -10.78
CA LEU A 114 27.05 -8.96 -9.66
C LEU A 114 28.55 -9.31 -9.64
N PRO A 115 29.33 -8.75 -10.55
CA PRO A 115 30.79 -8.89 -10.45
C PRO A 115 31.33 -8.09 -9.28
N ASN A 116 32.57 -8.39 -8.89
CA ASN A 116 33.17 -7.76 -7.72
C ASN A 116 33.47 -6.28 -7.97
N LYS A 117 32.42 -5.47 -8.11
CA LYS A 117 32.52 -4.02 -8.21
C LYS A 117 31.61 -3.39 -7.18
N ASN A 118 31.69 -2.06 -7.09
CA ASN A 118 30.77 -1.30 -6.25
C ASN A 118 29.48 -1.10 -7.03
N LEU A 119 28.50 -1.97 -6.77
CA LEU A 119 27.29 -2.06 -7.58
C LEU A 119 26.06 -1.66 -6.78
N LEU A 120 25.14 -0.97 -7.45
CA LEU A 120 23.83 -0.63 -6.89
C LEU A 120 22.76 -1.33 -7.72
N VAL A 121 21.92 -2.13 -7.06
CA VAL A 121 20.81 -2.81 -7.69
C VAL A 121 19.54 -2.05 -7.37
N ARG A 122 18.71 -1.81 -8.39
CA ARG A 122 17.37 -1.27 -8.21
C ARG A 122 16.35 -2.33 -8.60
N VAL A 123 15.35 -2.52 -7.74
CA VAL A 123 14.35 -3.57 -7.93
C VAL A 123 12.98 -2.94 -8.00
N GLU A 124 12.19 -3.38 -8.97
CA GLU A 124 10.77 -3.03 -9.08
C GLU A 124 9.99 -4.33 -9.14
N MET A 125 9.25 -4.62 -8.08
CA MET A 125 8.45 -5.83 -8.00
C MET A 125 6.99 -5.51 -8.32
N ASP A 126 6.36 -6.38 -9.10
CA ASP A 126 5.00 -6.20 -9.54
C ASP A 126 4.11 -7.33 -9.03
N ARG A 127 2.84 -7.01 -8.83
CA ARG A 127 1.82 -7.98 -8.50
C ARG A 127 0.87 -8.16 -9.68
N PHE A 128 0.38 -9.38 -9.83
CA PHE A 128 -0.45 -9.74 -10.98
C PHE A 128 -1.88 -9.24 -10.74
N ASN A 129 -2.26 -8.18 -11.45
CA ASN A 129 -3.57 -7.56 -11.29
C ASN A 129 -4.54 -8.07 -12.36
N ALA A 130 -4.71 -9.39 -12.40
CA ALA A 130 -5.67 -10.00 -13.32
C ALA A 130 -7.10 -9.77 -12.83
N PRO A 131 -8.06 -9.72 -13.75
CA PRO A 131 -9.44 -9.47 -13.33
C PRO A 131 -9.98 -10.57 -12.43
N GLN A 132 -10.84 -10.17 -11.50
CA GLN A 132 -11.50 -11.10 -10.59
C GLN A 132 -13.00 -11.19 -10.82
N LYS A 133 -13.58 -10.29 -11.61
CA LYS A 133 -15.01 -10.23 -11.83
C LYS A 133 -15.34 -10.47 -13.30
N TYR A 134 -16.55 -10.98 -13.53
CA TYR A 134 -17.10 -11.15 -14.87
C TYR A 134 -18.50 -10.56 -14.91
N GLN A 135 -19.04 -10.46 -16.12
CA GLN A 135 -20.38 -9.92 -16.31
C GLN A 135 -20.95 -10.42 -17.63
N LYS A 136 -22.15 -10.98 -17.57
CA LYS A 136 -22.90 -11.27 -18.78
C LYS A 136 -23.54 -9.99 -19.29
N ILE A 137 -23.49 -9.81 -20.61
CA ILE A 137 -23.92 -8.56 -21.22
C ILE A 137 -24.16 -8.80 -22.70
N LYS A 138 -25.01 -7.98 -23.31
CA LYS A 138 -25.29 -8.07 -24.75
C LYS A 138 -24.42 -7.07 -25.50
N ARG A 139 -24.06 -7.43 -26.74
CA ARG A 139 -23.27 -6.54 -27.57
C ARG A 139 -23.95 -5.18 -27.72
N GLU A 140 -25.28 -5.15 -27.66
CA GLU A 140 -26.01 -3.88 -27.75
C GLU A 140 -25.72 -3.00 -26.54
N GLU A 141 -25.52 -3.62 -25.37
CA GLU A 141 -25.38 -2.88 -24.13
C GLU A 141 -23.94 -2.78 -23.64
N PHE A 142 -22.96 -3.17 -24.45
CA PHE A 142 -21.56 -3.20 -24.03
C PHE A 142 -20.82 -2.03 -24.66
N ASN A 143 -20.57 -0.99 -23.87
CA ASN A 143 -19.73 0.12 -24.32
C ASN A 143 -18.37 0.00 -23.67
N PRO A 144 -17.30 -0.20 -24.45
CA PRO A 144 -15.97 -0.35 -23.84
C PRO A 144 -15.49 0.92 -23.15
N GLU A 145 -15.89 2.09 -23.64
CA GLU A 145 -15.40 3.36 -23.14
C GLU A 145 -16.12 3.81 -21.88
N THR A 146 -17.08 3.05 -21.37
CA THR A 146 -17.80 3.42 -20.15
C THR A 146 -17.78 2.33 -19.09
N ALA A 147 -17.86 1.07 -19.48
CA ALA A 147 -18.05 -0.01 -18.53
C ALA A 147 -16.80 -0.21 -17.67
N GLU A 148 -16.96 -1.02 -16.62
CA GLU A 148 -15.88 -1.26 -15.68
C GLU A 148 -14.70 -1.93 -16.37
N LYS A 149 -13.50 -1.41 -16.13
CA LYS A 149 -12.29 -1.94 -16.74
C LYS A 149 -11.63 -2.96 -15.81
N ASN A 150 -10.66 -3.69 -16.36
CA ASN A 150 -10.07 -4.87 -15.72
C ASN A 150 -11.17 -5.85 -15.32
N LYS A 151 -11.93 -6.29 -16.32
CA LYS A 151 -13.11 -7.10 -16.09
C LYS A 151 -13.36 -8.00 -17.30
N ILE A 152 -14.00 -9.14 -17.04
CA ILE A 152 -14.36 -10.10 -18.09
C ILE A 152 -15.82 -9.89 -18.48
N TYR A 153 -16.09 -9.90 -19.78
CA TYR A 153 -17.44 -9.73 -20.31
C TYR A 153 -17.77 -10.90 -21.21
N LEU A 154 -18.82 -11.65 -20.84
CA LEU A 154 -19.30 -12.78 -21.64
C LEU A 154 -20.49 -12.32 -22.45
N LEU A 155 -20.24 -12.06 -23.73
CA LEU A 155 -21.31 -11.82 -24.70
C LEU A 155 -21.71 -13.13 -25.38
N GLU A 156 -22.87 -13.10 -26.06
CA GLU A 156 -23.48 -14.31 -26.59
C GLU A 156 -22.56 -15.03 -27.60
N ASP A 157 -21.74 -14.28 -28.35
CA ASP A 157 -20.90 -14.87 -29.39
C ASP A 157 -19.42 -14.55 -29.21
N GLN A 158 -19.02 -14.01 -28.05
CA GLN A 158 -17.62 -13.67 -27.85
C GLN A 158 -17.35 -13.57 -26.36
N LEU A 159 -16.18 -14.07 -25.95
CA LEU A 159 -15.69 -13.91 -24.59
C LEU A 159 -14.51 -12.94 -24.63
N VAL A 160 -14.53 -11.94 -23.75
CA VAL A 160 -13.65 -10.79 -23.94
C VAL A 160 -13.16 -10.24 -22.61
N TYR A 161 -11.97 -9.64 -22.65
CA TYR A 161 -11.33 -8.99 -21.51
C TYR A 161 -11.18 -7.51 -21.82
N LEU A 162 -11.60 -6.69 -20.87
CA LEU A 162 -11.47 -5.23 -20.95
C LEU A 162 -10.36 -4.85 -19.98
N ASP A 163 -9.18 -4.53 -20.50
CA ASP A 163 -8.00 -4.35 -19.67
C ASP A 163 -8.06 -3.01 -18.94
N ILE A 164 -6.96 -2.65 -18.27
CA ILE A 164 -6.93 -1.46 -17.44
C ILE A 164 -6.86 -0.16 -18.25
N PHE A 165 -6.57 -0.25 -19.54
CA PHE A 165 -6.51 0.92 -20.41
C PHE A 165 -7.75 1.05 -21.28
N GLY A 166 -8.82 0.31 -20.98
CA GLY A 166 -10.02 0.35 -21.78
C GLY A 166 -9.93 -0.38 -23.10
N LYS A 167 -8.91 -1.22 -23.30
CA LYS A 167 -8.77 -1.95 -24.55
C LYS A 167 -9.49 -3.29 -24.47
N VAL A 168 -10.13 -3.67 -25.56
CA VAL A 168 -10.96 -4.86 -25.65
C VAL A 168 -10.11 -5.99 -26.22
N ILE A 169 -9.99 -7.09 -25.48
CA ILE A 169 -9.08 -8.19 -25.82
C ILE A 169 -9.86 -9.48 -25.95
N ASP A 170 -9.84 -10.08 -27.14
CA ASP A 170 -10.56 -11.32 -27.37
C ASP A 170 -9.83 -12.50 -26.72
N LEU A 171 -10.61 -13.41 -26.13
CA LEU A 171 -10.07 -14.55 -25.40
C LEU A 171 -10.16 -15.85 -26.18
N GLY A 172 -10.26 -15.78 -27.51
CA GLY A 172 -10.11 -16.95 -28.37
C GLY A 172 -11.11 -18.06 -28.18
N GLN A 173 -12.39 -17.71 -28.00
CA GLN A 173 -13.44 -18.70 -27.82
C GLN A 173 -14.44 -18.58 -28.97
N THR A 174 -14.84 -19.73 -29.51
CA THR A 174 -15.79 -19.75 -30.62
C THR A 174 -17.13 -19.16 -30.20
N SER A 175 -17.91 -18.75 -31.21
CA SER A 175 -19.25 -18.23 -30.92
C SER A 175 -20.15 -19.31 -30.36
N ASP A 176 -19.91 -20.58 -30.71
CA ASP A 176 -20.69 -21.67 -30.12
C ASP A 176 -20.36 -21.84 -28.64
N THR A 177 -19.07 -21.75 -28.29
CA THR A 177 -18.68 -21.85 -26.89
C THR A 177 -19.32 -20.75 -26.06
N CYS A 178 -19.32 -19.51 -26.57
CA CYS A 178 -19.88 -18.40 -25.82
C CYS A 178 -21.40 -18.52 -25.73
N HIS A 179 -22.04 -19.01 -26.80
CA HIS A 179 -23.49 -19.21 -26.77
C HIS A 179 -23.88 -20.17 -25.65
N ARG A 180 -23.17 -21.28 -25.52
CA ARG A 180 -23.47 -22.25 -24.48
C ARG A 180 -23.22 -21.66 -23.09
N LEU A 181 -22.12 -20.93 -22.91
CA LEU A 181 -21.84 -20.32 -21.62
C LEU A 181 -22.83 -19.21 -21.30
N PHE A 182 -23.20 -18.40 -22.31
CA PHE A 182 -24.14 -17.31 -22.09
C PHE A 182 -25.47 -17.82 -21.58
N ASN A 183 -26.02 -18.86 -22.21
CA ASN A 183 -27.34 -19.36 -21.87
C ASN A 183 -27.35 -20.20 -20.60
N ALA A 184 -26.22 -20.75 -20.20
CA ALA A 184 -26.17 -21.54 -18.98
C ALA A 184 -26.23 -20.67 -17.72
N ILE A 185 -25.77 -19.42 -17.80
CA ILE A 185 -25.75 -18.53 -16.65
C ILE A 185 -27.09 -17.80 -16.63
N THR A 186 -28.02 -18.29 -15.80
CA THR A 186 -29.39 -17.80 -15.75
C THR A 186 -29.72 -17.08 -14.46
N THR A 187 -29.17 -17.51 -13.33
CA THR A 187 -29.51 -16.94 -12.04
C THR A 187 -29.13 -15.47 -12.00
N PRO A 188 -30.00 -14.58 -11.50
CA PRO A 188 -29.72 -13.14 -11.59
C PRO A 188 -28.46 -12.69 -10.85
N PHE A 189 -28.21 -13.19 -9.64
CA PHE A 189 -27.04 -12.72 -8.91
C PHE A 189 -25.74 -13.33 -9.42
N TYR A 190 -25.81 -14.27 -10.37
CA TYR A 190 -24.63 -14.77 -11.05
C TYR A 190 -24.38 -14.09 -12.40
N GLN A 191 -25.20 -13.10 -12.75
CA GLN A 191 -24.99 -12.37 -14.00
C GLN A 191 -23.73 -11.53 -13.93
N ASN A 192 -23.60 -10.72 -12.90
CA ASN A 192 -22.40 -9.93 -12.63
C ASN A 192 -21.83 -10.43 -11.30
N TYR A 193 -20.74 -11.19 -11.37
CA TYR A 193 -20.26 -11.93 -10.20
C TYR A 193 -18.74 -12.05 -10.29
N ILE A 194 -18.17 -13.01 -9.57
CA ILE A 194 -16.73 -13.23 -9.55
C ILE A 194 -16.40 -14.47 -10.38
N LEU A 195 -15.15 -14.54 -10.82
CA LEU A 195 -14.71 -15.67 -11.66
C LEU A 195 -14.39 -16.90 -10.82
N TYR A 196 -13.31 -16.83 -10.03
CA TYR A 196 -12.78 -18.01 -9.34
C TYR A 196 -13.42 -18.10 -7.96
N ASP A 197 -14.51 -18.87 -7.89
CA ASP A 197 -15.25 -19.09 -6.65
C ASP A 197 -14.98 -20.52 -6.18
N GLU A 198 -14.39 -20.65 -5.00
CA GLU A 198 -14.14 -21.97 -4.44
C GLU A 198 -15.42 -22.73 -4.17
N TYR A 199 -16.53 -22.01 -3.92
CA TYR A 199 -17.75 -22.64 -3.45
C TYR A 199 -18.66 -23.15 -4.56
N ILE A 200 -18.46 -22.71 -5.81
CA ILE A 200 -19.27 -23.23 -6.90
C ILE A 200 -18.75 -24.63 -7.26
N ASP A 201 -19.69 -25.52 -7.59
CA ASP A 201 -19.38 -26.91 -7.89
C ASP A 201 -19.88 -27.25 -9.29
N PRO A 202 -19.02 -27.73 -10.19
CA PRO A 202 -19.51 -28.05 -11.55
C PRO A 202 -20.50 -29.21 -11.57
N GLU A 203 -20.36 -30.19 -10.68
CA GLU A 203 -21.30 -31.31 -10.64
C GLU A 203 -22.66 -30.87 -10.10
N GLU A 204 -22.71 -29.76 -9.35
CA GLU A 204 -23.97 -29.23 -8.85
C GLU A 204 -25.00 -29.08 -9.97
N SER A 205 -24.69 -28.26 -10.96
CA SER A 205 -25.66 -27.94 -12.01
C SER A 205 -24.92 -27.60 -13.31
N ALA A 206 -25.67 -27.13 -14.31
CA ALA A 206 -25.03 -26.72 -15.56
C ALA A 206 -24.53 -25.28 -15.48
N GLU A 207 -25.20 -24.44 -14.68
CA GLU A 207 -24.76 -23.05 -14.54
C GLU A 207 -23.36 -22.98 -13.95
N GLU A 208 -23.13 -23.68 -12.84
CA GLU A 208 -21.83 -23.61 -12.18
C GLU A 208 -20.77 -24.38 -12.96
N ALA A 209 -21.17 -25.43 -13.69
CA ALA A 209 -20.23 -26.09 -14.59
C ALA A 209 -19.75 -25.13 -15.67
N ALA A 210 -20.63 -24.23 -16.13
CA ALA A 210 -20.26 -23.22 -17.11
C ALA A 210 -19.45 -22.10 -16.46
N MET A 211 -19.90 -21.60 -15.31
CA MET A 211 -19.14 -20.59 -14.58
C MET A 211 -17.73 -21.08 -14.28
N PHE A 212 -17.60 -22.34 -13.88
CA PHE A 212 -16.28 -22.90 -13.62
C PHE A 212 -15.48 -23.03 -14.90
N GLU A 213 -16.10 -23.51 -15.98
CA GLU A 213 -15.39 -23.65 -17.23
C GLU A 213 -14.92 -22.30 -17.76
N MET A 214 -15.77 -21.28 -17.66
CA MET A 214 -15.35 -19.93 -18.04
C MET A 214 -14.16 -19.48 -17.21
N GLY A 215 -14.18 -19.78 -15.91
CA GLY A 215 -13.05 -19.43 -15.07
C GLY A 215 -11.76 -20.09 -15.50
N GLU A 216 -11.85 -21.36 -15.93
CA GLU A 216 -10.66 -22.04 -16.41
C GLU A 216 -10.19 -21.49 -17.75
N ILE A 217 -11.12 -21.02 -18.57
CA ILE A 217 -10.73 -20.39 -19.83
C ILE A 217 -10.01 -19.07 -19.57
N VAL A 218 -10.59 -18.21 -18.73
CA VAL A 218 -9.98 -16.92 -18.45
C VAL A 218 -8.62 -17.10 -17.77
N LYS A 219 -8.54 -18.04 -16.82
CA LYS A 219 -7.28 -18.28 -16.12
C LYS A 219 -6.18 -18.70 -17.08
N ALA A 220 -6.51 -19.58 -18.03
CA ALA A 220 -5.50 -20.03 -18.99
C ALA A 220 -5.10 -18.92 -19.95
N LYS A 221 -6.06 -18.08 -20.35
CA LYS A 221 -5.77 -17.06 -21.35
C LYS A 221 -4.86 -15.97 -20.81
N MET A 222 -4.92 -15.70 -19.52
CA MET A 222 -4.20 -14.55 -18.96
C MET A 222 -2.83 -14.88 -18.38
N LYS A 223 -2.38 -16.12 -18.50
CA LYS A 223 -0.98 -16.38 -18.18
C LYS A 223 -0.06 -15.98 -19.32
N ASN A 224 -0.63 -15.49 -20.42
CA ASN A 224 0.10 -14.85 -21.51
C ASN A 224 -0.37 -13.42 -21.75
N ILE A 225 -1.18 -12.86 -20.84
CA ILE A 225 -1.64 -11.48 -20.91
C ILE A 225 -0.96 -10.69 -19.80
N ASP A 226 -0.41 -9.54 -20.15
CA ASP A 226 0.38 -8.72 -19.23
C ASP A 226 -0.57 -7.88 -18.38
N CYS A 227 -0.75 -8.29 -17.12
CA CYS A 227 -1.60 -7.59 -16.16
C CYS A 227 -0.83 -7.26 -14.88
N TRP A 228 0.42 -6.84 -15.01
CA TRP A 228 1.22 -6.51 -13.83
C TRP A 228 1.07 -5.05 -13.45
N THR A 229 0.95 -4.79 -12.16
CA THR A 229 1.05 -3.46 -11.58
C THR A 229 2.26 -3.40 -10.66
N ALA A 230 3.01 -2.30 -10.74
CA ALA A 230 4.15 -2.12 -9.85
C ALA A 230 3.65 -1.94 -8.41
N THR A 231 4.12 -2.80 -7.51
CA THR A 231 3.67 -2.76 -6.13
C THR A 231 4.74 -2.28 -5.15
N HIS A 232 6.02 -2.60 -5.40
CA HIS A 232 7.07 -2.34 -4.42
C HIS A 232 8.34 -1.92 -5.13
N SER A 233 9.18 -1.19 -4.41
CA SER A 233 10.43 -0.68 -4.94
C SER A 233 11.47 -0.66 -3.83
N PHE A 234 12.71 -1.01 -4.18
CA PHE A 234 13.82 -0.89 -3.25
C PHE A 234 15.12 -1.01 -4.03
N THR A 235 16.22 -0.70 -3.35
CA THR A 235 17.55 -0.80 -3.92
C THR A 235 18.42 -1.70 -3.04
N ILE A 236 19.43 -2.30 -3.65
CA ILE A 236 20.39 -3.14 -2.95
C ILE A 236 21.79 -2.66 -3.29
N PHE A 237 22.60 -2.43 -2.27
CA PHE A 237 23.97 -1.96 -2.45
C PHE A 237 24.95 -3.10 -2.20
N VAL A 238 25.81 -3.35 -3.18
CA VAL A 238 26.81 -4.42 -3.09
C VAL A 238 28.20 -3.82 -3.26
N PRO A 239 28.91 -3.52 -2.19
CA PRO A 239 30.25 -2.95 -2.33
C PRO A 239 31.27 -3.98 -2.77
N GLU A 240 32.38 -3.49 -3.29
CA GLU A 240 33.50 -4.36 -3.66
C GLU A 240 34.18 -4.90 -2.40
N SER A 241 34.33 -6.21 -2.32
CA SER A 241 35.03 -6.87 -1.23
C SER A 241 36.34 -7.46 -1.73
N ASP A 242 37.36 -7.44 -0.88
CA ASP A 242 38.67 -7.93 -1.29
C ASP A 242 38.69 -9.44 -1.53
N SER A 243 37.61 -10.15 -1.25
CA SER A 243 37.55 -11.58 -1.51
C SER A 243 36.12 -11.98 -1.85
N GLU A 244 35.98 -13.19 -2.38
CA GLU A 244 34.74 -13.62 -3.01
C GLU A 244 33.67 -14.04 -2.00
N ASP A 245 34.07 -14.49 -0.80
CA ASP A 245 33.10 -14.92 0.19
C ASP A 245 32.84 -13.88 1.27
N THR A 246 33.66 -12.84 1.37
CA THR A 246 33.35 -11.70 2.23
C THR A 246 32.32 -10.77 1.60
N ARG A 247 31.86 -11.07 0.39
CA ARG A 247 30.89 -10.22 -0.29
C ARG A 247 29.54 -10.25 0.41
N THR A 248 28.93 -9.07 0.53
CA THR A 248 27.66 -8.92 1.23
C THR A 248 26.87 -7.79 0.58
N LEU A 249 25.55 -7.96 0.53
CA LEU A 249 24.67 -6.96 -0.06
C LEU A 249 23.85 -6.27 1.03
N TYR A 250 23.50 -5.01 0.78
CA TYR A 250 22.72 -4.21 1.71
C TYR A 250 21.46 -3.70 1.03
N PRO A 251 20.29 -4.28 1.30
CA PRO A 251 19.05 -3.76 0.71
C PRO A 251 18.58 -2.51 1.44
N TYR A 252 18.16 -1.53 0.69
CA TYR A 252 17.65 -0.24 1.19
C TYR A 252 16.18 -0.09 0.81
N GLN A 253 15.31 0.22 1.73
CA GLN A 253 13.90 0.44 1.36
C GLN A 253 13.19 1.27 2.40
N ALA A 254 11.99 1.65 2.05
CA ALA A 254 10.95 2.34 2.82
C ALA A 254 9.64 1.64 2.47
N TYR A 255 8.63 1.69 3.29
CA TYR A 255 7.38 1.00 2.91
C TYR A 255 6.16 1.87 3.22
N TRP A 256 5.29 2.01 2.25
CA TRP A 256 4.02 2.77 2.29
C TRP A 256 3.21 2.52 3.55
N THR A 257 2.97 3.57 4.31
CA THR A 257 2.24 3.55 5.58
C THR A 257 2.79 2.48 6.52
N SER A 258 4.12 2.36 6.57
CA SER A 258 4.74 1.32 7.38
C SER A 258 6.01 1.83 8.06
N HIS A 259 7.05 2.10 7.27
CA HIS A 259 8.31 2.55 7.83
C HIS A 259 9.08 3.36 6.80
N THR A 260 9.99 4.19 7.28
CA THR A 260 10.89 4.95 6.43
C THR A 260 12.23 4.23 6.30
N LEU A 261 13.07 4.74 5.39
CA LEU A 261 14.42 4.21 5.29
C LEU A 261 15.21 4.50 6.55
N GLN A 262 14.96 5.65 7.17
CA GLN A 262 15.59 5.95 8.46
C GLN A 262 15.26 4.89 9.50
N GLN A 263 14.00 4.43 9.52
CA GLN A 263 13.64 3.35 10.44
C GLN A 263 14.23 2.02 9.98
N TRP A 264 14.33 1.82 8.67
CA TRP A 264 14.98 0.63 8.13
C TRP A 264 16.39 0.49 8.69
N PHE A 265 17.14 1.59 8.72
CA PHE A 265 18.51 1.56 9.19
C PHE A 265 18.59 1.46 10.72
N SER A 266 17.74 2.21 11.43
CA SER A 266 17.76 2.18 12.89
C SER A 266 17.56 0.76 13.42
N GLY A 267 16.60 0.03 12.87
CA GLY A 267 16.41 -1.36 13.21
C GLY A 267 17.41 -2.31 12.58
N ASP A 268 18.36 -1.80 11.80
CA ASP A 268 19.46 -2.58 11.24
C ASP A 268 18.99 -3.75 10.39
N LYS A 269 17.84 -3.59 9.71
CA LYS A 269 17.39 -4.66 8.84
C LYS A 269 18.28 -4.83 7.63
N ASP A 270 18.93 -3.75 7.18
CA ASP A 270 19.85 -3.85 6.05
C ASP A 270 20.99 -4.83 6.37
N GLU A 271 21.54 -4.74 7.57
CA GLU A 271 22.61 -5.64 7.97
C GLU A 271 22.10 -7.00 8.44
N LYS A 272 20.84 -7.05 8.92
CA LYS A 272 20.26 -8.34 9.27
C LYS A 272 20.08 -9.20 8.03
N LEU A 273 19.52 -8.62 6.96
CA LEU A 273 19.33 -9.35 5.71
C LEU A 273 20.65 -9.59 4.98
N SER A 274 21.67 -8.77 5.24
CA SER A 274 22.99 -9.01 4.65
C SER A 274 23.61 -10.30 5.17
N ARG A 275 23.32 -10.67 6.42
CA ARG A 275 23.79 -11.91 7.01
C ARG A 275 23.11 -13.14 6.42
N LEU A 276 22.13 -12.96 5.54
CA LEU A 276 21.57 -14.09 4.80
C LEU A 276 22.51 -14.61 3.73
N GLY A 277 23.54 -13.86 3.36
CA GLY A 277 24.39 -14.21 2.25
C GLY A 277 23.80 -13.78 0.93
N ILE A 278 24.67 -13.55 -0.07
CA ILE A 278 24.18 -13.13 -1.38
C ILE A 278 23.31 -14.22 -2.00
N ASP A 279 23.83 -15.45 -2.04
CA ASP A 279 23.06 -16.54 -2.63
C ASP A 279 21.79 -16.83 -1.84
N GLY A 280 21.84 -16.67 -0.51
CA GLY A 280 20.66 -16.92 0.30
C GLY A 280 19.59 -15.86 0.11
N TYR A 281 20.00 -14.58 0.02
CA TYR A 281 19.02 -13.51 -0.17
C TYR A 281 18.35 -13.60 -1.53
N ILE A 282 19.14 -13.89 -2.58
CA ILE A 282 18.58 -14.02 -3.93
C ILE A 282 17.67 -15.23 -4.01
N GLU A 283 18.02 -16.31 -3.31
CA GLU A 283 17.18 -17.52 -3.31
C GLU A 283 15.79 -17.20 -2.78
N LYS A 284 15.71 -16.45 -1.68
CA LYS A 284 14.41 -16.04 -1.15
C LYS A 284 13.73 -15.07 -2.10
N LEU A 285 14.50 -14.20 -2.75
CA LEU A 285 13.94 -13.31 -3.76
C LEU A 285 13.43 -14.11 -4.96
N ALA A 286 14.01 -15.27 -5.22
CA ALA A 286 13.57 -16.10 -6.34
C ALA A 286 12.35 -16.93 -5.97
N LEU A 287 12.35 -17.54 -4.79
CA LEU A 287 11.21 -18.33 -4.36
C LEU A 287 9.94 -17.50 -4.21
N LEU A 288 10.08 -16.19 -4.04
CA LEU A 288 8.93 -15.30 -3.95
C LEU A 288 8.12 -15.27 -5.24
N GLY A 289 8.79 -15.39 -6.39
CA GLY A 289 8.10 -15.33 -7.66
C GLY A 289 7.64 -16.67 -8.20
N THR A 290 8.27 -17.76 -7.77
CA THR A 290 7.95 -19.08 -8.30
C THR A 290 6.97 -19.86 -7.44
N THR A 291 6.81 -19.50 -6.17
CA THR A 291 5.87 -20.19 -5.31
C THR A 291 4.43 -19.89 -5.75
N THR A 292 3.53 -20.83 -5.44
CA THR A 292 2.11 -20.66 -5.67
C THR A 292 1.29 -20.77 -4.39
N ASP A 293 1.93 -21.04 -3.25
CA ASP A 293 1.23 -21.10 -1.98
C ASP A 293 1.28 -19.73 -1.31
N SER A 294 0.11 -19.23 -0.92
CA SER A 294 0.03 -17.90 -0.32
C SER A 294 0.80 -17.83 1.00
N LYS A 295 0.87 -18.95 1.73
CA LYS A 295 1.56 -18.94 3.02
C LYS A 295 3.07 -18.81 2.84
N ILE A 296 3.63 -19.46 1.82
CA ILE A 296 5.07 -19.31 1.56
C ILE A 296 5.36 -17.95 0.94
N ARG A 297 4.50 -17.47 0.04
CA ARG A 297 4.71 -16.16 -0.55
C ARG A 297 4.63 -15.06 0.50
N SER A 298 3.67 -15.16 1.41
CA SER A 298 3.55 -14.16 2.47
C SER A 298 4.70 -14.24 3.45
N SER A 299 5.16 -15.46 3.77
CA SER A 299 6.23 -15.62 4.75
C SER A 299 7.52 -14.99 4.26
N ILE A 300 7.87 -15.21 2.99
CA ILE A 300 9.07 -14.61 2.43
C ILE A 300 8.89 -13.10 2.28
N TYR A 301 7.71 -12.68 1.81
CA TYR A 301 7.39 -11.25 1.72
C TYR A 301 7.60 -10.56 3.06
N GLY A 302 7.12 -11.19 4.14
CA GLY A 302 7.32 -10.63 5.46
C GLY A 302 8.77 -10.62 5.89
N GLU A 303 9.51 -11.67 5.54
CA GLU A 303 10.91 -11.72 5.95
C GLU A 303 11.73 -10.63 5.28
N LEU A 304 11.45 -10.35 4.00
CA LEU A 304 12.31 -9.48 3.22
C LEU A 304 11.96 -7.99 3.35
N PHE A 305 10.68 -7.64 3.39
CA PHE A 305 10.27 -6.25 3.26
C PHE A 305 9.52 -5.69 4.46
N SER A 306 9.24 -6.50 5.46
CA SER A 306 8.49 -6.01 6.64
C SER A 306 9.40 -5.22 7.58
N PRO A 307 8.88 -4.17 8.25
CA PRO A 307 9.67 -3.38 9.19
C PRO A 307 10.45 -4.29 10.13
N PRO A 308 11.50 -3.78 10.77
CA PRO A 308 12.24 -4.59 11.74
C PRO A 308 11.33 -5.06 12.86
N GLY A 309 11.20 -6.38 13.01
CA GLY A 309 10.46 -7.00 14.09
C GLY A 309 9.14 -7.62 13.68
N LYS A 310 8.50 -7.09 12.64
CA LYS A 310 7.18 -7.53 12.23
C LYS A 310 7.21 -8.62 11.17
N GLU A 311 8.30 -9.39 11.09
CA GLU A 311 8.46 -10.35 10.00
C GLU A 311 7.37 -11.42 10.01
N HIS A 312 6.80 -11.73 11.18
CA HIS A 312 5.87 -12.84 11.29
C HIS A 312 4.41 -12.41 11.31
N VAL A 313 4.13 -11.11 11.36
CA VAL A 313 2.75 -10.61 11.33
C VAL A 313 2.49 -9.69 10.15
N PHE A 314 3.51 -9.32 9.39
CA PHE A 314 3.36 -8.32 8.34
C PHE A 314 2.45 -8.79 7.22
N CYS A 315 2.45 -10.08 6.90
CA CYS A 315 1.66 -10.57 5.78
C CYS A 315 0.71 -11.67 6.21
N THR A 316 -0.02 -11.45 7.29
CA THR A 316 -0.98 -12.41 7.80
C THR A 316 -2.37 -11.80 7.77
N GLY A 317 -3.38 -12.66 7.81
CA GLY A 317 -4.75 -12.19 7.91
C GLY A 317 -5.17 -11.46 6.65
N MET A 318 -5.54 -10.19 6.81
CA MET A 318 -5.96 -9.38 5.67
C MET A 318 -4.80 -9.14 4.70
N ASN A 319 -3.57 -9.09 5.20
CA ASN A 319 -2.41 -8.78 4.39
C ASN A 319 -1.73 -10.02 3.83
N GLU A 320 -2.42 -11.16 3.82
CA GLU A 320 -1.91 -12.33 3.13
C GLU A 320 -1.72 -12.02 1.65
N LYS A 321 -0.63 -12.50 1.07
CA LYS A 321 -0.27 -12.19 -0.30
C LYS A 321 -0.83 -13.27 -1.20
N PHE A 322 -1.97 -12.98 -1.82
CA PHE A 322 -2.66 -13.92 -2.70
C PHE A 322 -2.33 -13.69 -4.18
N SER A 323 -1.53 -12.68 -4.49
CA SER A 323 -1.29 -12.37 -5.89
C SER A 323 0.09 -12.82 -6.32
N PRO A 324 0.22 -13.40 -7.51
CA PRO A 324 1.55 -13.74 -8.03
C PRO A 324 2.43 -12.50 -8.12
N LEU A 325 3.68 -12.66 -7.72
CA LEU A 325 4.65 -11.56 -7.69
C LEU A 325 5.73 -11.79 -8.73
N ARG A 326 6.29 -10.68 -9.23
CA ARG A 326 7.38 -10.71 -10.20
C ARG A 326 8.43 -9.69 -9.79
N VAL A 327 9.65 -10.15 -9.54
CA VAL A 327 10.76 -9.28 -9.16
C VAL A 327 11.54 -8.93 -10.42
N LYS A 328 11.81 -7.64 -10.60
CA LYS A 328 12.62 -7.15 -11.71
C LYS A 328 13.79 -6.34 -11.17
N PHE A 329 14.93 -6.43 -11.84
CA PHE A 329 16.15 -5.80 -11.35
C PHE A 329 16.91 -5.13 -12.48
N LYS A 330 17.74 -4.16 -12.09
CA LYS A 330 18.67 -3.50 -13.00
C LYS A 330 19.90 -3.12 -12.18
N VAL A 331 21.08 -3.32 -12.76
CA VAL A 331 22.34 -3.14 -12.04
C VAL A 331 23.17 -2.08 -12.74
N THR A 332 23.90 -1.30 -11.95
CA THR A 332 24.84 -0.32 -12.48
C THR A 332 26.01 -0.19 -11.51
N GLU A 333 26.99 0.61 -11.89
CA GLU A 333 28.21 0.79 -11.13
C GLU A 333 28.13 2.05 -10.28
N VAL A 334 28.81 2.03 -9.14
CA VAL A 334 28.87 3.17 -8.23
C VAL A 334 30.33 3.59 -8.08
N ASN A 335 30.59 4.89 -8.25
CA ASN A 335 31.92 5.45 -8.04
C ASN A 335 31.98 6.03 -6.64
N PRO A 336 32.71 5.41 -5.70
CA PRO A 336 32.68 5.90 -4.32
C PRO A 336 33.09 7.36 -4.14
N GLU A 337 33.96 7.88 -5.02
CA GLU A 337 34.31 9.31 -4.92
C GLU A 337 33.17 10.20 -5.38
N ILE A 338 32.27 9.70 -6.24
CA ILE A 338 31.08 10.45 -6.57
C ILE A 338 30.09 10.44 -5.41
N ALA A 339 29.84 9.26 -4.84
CA ALA A 339 28.81 9.14 -3.81
C ALA A 339 29.19 9.90 -2.56
N LEU A 340 30.43 9.74 -2.09
CA LEU A 340 30.86 10.45 -0.89
C LEU A 340 30.85 11.96 -1.10
N GLN A 341 31.18 12.39 -2.32
CA GLN A 341 31.10 13.81 -2.65
C GLN A 341 29.65 14.30 -2.56
N ASN A 342 28.72 13.53 -3.14
CA ASN A 342 27.30 13.89 -3.09
C ASN A 342 26.80 13.96 -1.65
N LEU A 343 27.32 13.11 -0.77
CA LEU A 343 26.87 13.10 0.62
C LEU A 343 27.50 14.23 1.42
N GLU A 344 28.79 14.51 1.21
CA GLU A 344 29.45 15.57 1.96
C GLU A 344 28.88 16.94 1.63
N GLU A 345 28.34 17.10 0.42
CA GLU A 345 27.66 18.36 0.09
C GLU A 345 26.35 18.47 0.87
N VAL A 346 25.65 17.35 1.08
CA VAL A 346 24.45 17.36 1.91
C VAL A 346 24.80 17.71 3.34
N GLN A 347 25.86 17.10 3.87
CA GLN A 347 26.35 17.48 5.20
C GLN A 347 26.72 18.95 5.22
N GLU A 348 27.36 19.44 4.17
CA GLU A 348 27.67 20.86 4.05
C GLU A 348 26.40 21.71 4.11
N PHE A 349 25.42 21.38 3.27
CA PHE A 349 24.14 22.10 3.29
C PHE A 349 23.51 22.07 4.67
N ILE A 350 23.50 20.89 5.31
CA ILE A 350 22.89 20.75 6.63
C ILE A 350 23.59 21.64 7.65
N ASP A 351 24.92 21.62 7.65
CA ASP A 351 25.68 22.30 8.71
C ASP A 351 25.61 23.82 8.58
N THR A 352 25.77 24.33 7.35
CA THR A 352 25.76 25.78 7.19
C THR A 352 24.37 26.38 7.37
N ASN A 353 23.33 25.65 6.97
CA ASN A 353 21.96 26.17 7.05
C ASN A 353 21.24 25.78 8.33
N TYR A 354 21.58 24.64 8.93
CA TYR A 354 20.92 24.16 10.14
C TYR A 354 21.98 23.68 11.13
N PRO A 355 22.81 24.58 11.63
CA PRO A 355 23.90 24.16 12.51
C PRO A 355 23.42 23.79 13.91
N GLY A 356 24.11 22.82 14.50
CA GLY A 356 23.84 22.37 15.84
C GLY A 356 25.00 21.54 16.34
N GLU A 357 25.02 21.32 17.66
CA GLU A 357 26.10 20.54 18.26
C GLU A 357 25.95 19.05 18.01
N ASN A 358 24.75 18.59 17.66
CA ASN A 358 24.53 17.21 17.28
C ASN A 358 23.41 17.16 16.26
N ALA A 359 23.16 15.97 15.70
CA ALA A 359 22.11 15.81 14.71
C ALA A 359 20.73 16.07 15.32
N LYS A 360 20.53 15.69 16.59
CA LYS A 360 19.25 15.93 17.24
C LYS A 360 18.89 17.41 17.23
N ASP A 361 19.85 18.27 17.56
CA ASP A 361 19.60 19.71 17.56
C ASP A 361 19.43 20.24 16.14
N GLN A 362 20.20 19.69 15.19
CA GLN A 362 20.08 20.14 13.80
C GLN A 362 18.72 19.79 13.22
N CYS A 363 18.13 18.66 13.62
CA CYS A 363 16.81 18.29 13.12
C CYS A 363 15.72 19.11 13.78
N GLU A 364 15.87 19.41 15.07
CA GLU A 364 14.92 20.28 15.75
C GLU A 364 14.85 21.63 15.07
N LEU A 365 16.01 22.22 14.76
CA LEU A 365 16.02 23.51 14.09
C LEU A 365 15.41 23.40 12.70
N TYR A 366 15.62 22.28 12.02
CA TYR A 366 15.00 22.08 10.71
C TYR A 366 13.48 22.01 10.82
N LYS A 367 12.97 21.23 11.78
CA LYS A 367 11.53 21.18 11.99
C LYS A 367 10.99 22.54 12.39
N ILE A 368 11.70 23.24 13.28
CA ILE A 368 11.27 24.57 13.72
C ILE A 368 11.18 25.53 12.53
N LYS A 369 12.23 25.57 11.70
CA LYS A 369 12.23 26.48 10.56
C LYS A 369 11.10 26.14 9.60
N ALA A 370 10.86 24.85 9.36
CA ALA A 370 9.76 24.46 8.50
C ALA A 370 8.41 24.87 9.06
N GLN A 371 8.26 24.86 10.39
CA GLN A 371 6.99 25.26 10.99
C GLN A 371 6.80 26.77 10.93
N GLU A 372 7.88 27.54 11.13
CA GLU A 372 7.74 28.99 11.07
C GLU A 372 7.42 29.46 9.66
N ALA A 373 7.98 28.80 8.65
CA ALA A 373 7.60 29.10 7.27
C ALA A 373 6.15 28.74 7.01
N MET A 374 5.71 27.58 7.48
CA MET A 374 4.31 27.18 7.32
C MET A 374 3.38 28.11 8.08
N THR A 375 3.80 28.56 9.26
CA THR A 375 2.99 29.50 10.03
C THR A 375 2.86 30.83 9.30
N LYS A 376 3.99 31.39 8.85
CA LYS A 376 3.99 32.71 8.24
C LYS A 376 3.19 32.73 6.94
N GLN A 377 3.24 31.66 6.16
CA GLN A 377 2.44 31.64 4.94
C GLN A 377 0.96 31.49 5.25
N LEU A 378 0.62 30.60 6.20
CA LEU A 378 -0.79 30.41 6.55
C LEU A 378 -1.41 31.70 7.07
N GLU A 379 -0.65 32.46 7.87
CA GLU A 379 -1.16 33.75 8.35
C GLU A 379 -1.51 34.68 7.20
N MET A 380 -0.81 34.57 6.07
CA MET A 380 -1.04 35.47 4.94
C MET A 380 -2.24 35.04 4.10
N ARG A 381 -2.52 33.74 4.04
CA ARG A 381 -3.68 33.27 3.29
C ARG A 381 -4.99 33.50 4.03
N LEU A 382 -4.95 33.51 5.37
CA LEU A 382 -6.17 33.59 6.17
C LEU A 382 -6.46 34.99 6.70
N LEU A 383 -5.49 35.91 6.64
CA LEU A 383 -5.75 37.29 7.01
C LEU A 383 -6.71 37.98 6.05
N ILE A 384 -6.82 37.50 4.81
CA ILE A 384 -7.62 38.19 3.79
C ILE A 384 -9.10 37.88 3.87
N GLU A 385 -9.52 37.03 4.80
CA GLU A 385 -10.95 36.83 5.06
C GLU A 385 -11.22 36.73 6.56
N GLY B 4 -32.84 -17.06 -2.75
CA GLY B 4 -32.31 -16.02 -3.62
C GLY B 4 -31.10 -15.33 -3.04
N LEU B 5 -29.98 -16.05 -2.99
CA LEU B 5 -28.73 -15.54 -2.44
C LEU B 5 -27.59 -16.47 -2.83
N PRO B 6 -26.39 -15.94 -3.16
CA PRO B 6 -25.30 -16.81 -3.63
C PRO B 6 -24.94 -17.94 -2.67
N ARG B 7 -24.32 -18.99 -3.20
CA ARG B 7 -23.97 -20.15 -2.39
C ARG B 7 -22.80 -19.86 -1.46
N ARG B 8 -21.82 -19.08 -1.92
CA ARG B 8 -20.66 -18.77 -1.09
C ARG B 8 -21.08 -18.18 0.26
N ILE B 9 -22.09 -17.31 0.25
CA ILE B 9 -22.55 -16.70 1.49
C ILE B 9 -23.22 -17.73 2.38
N ILE B 10 -23.89 -18.73 1.80
CA ILE B 10 -24.59 -19.73 2.60
C ILE B 10 -23.59 -20.66 3.30
N LYS B 11 -22.63 -21.18 2.55
CA LYS B 11 -21.65 -22.09 3.16
C LYS B 11 -20.72 -21.33 4.11
N GLU B 12 -20.36 -20.09 3.76
CA GLU B 12 -19.61 -19.25 4.70
C GLU B 12 -20.39 -19.06 5.99
N THR B 13 -21.69 -18.79 5.90
CA THR B 13 -22.53 -18.73 7.09
C THR B 13 -22.47 -20.03 7.87
N GLN B 14 -22.86 -21.14 7.22
CA GLN B 14 -22.92 -22.43 7.90
C GLN B 14 -21.59 -22.81 8.54
N ARG B 15 -20.48 -22.59 7.85
CA ARG B 15 -19.18 -22.94 8.41
C ARG B 15 -18.81 -22.06 9.60
N LEU B 16 -19.48 -20.93 9.79
CA LEU B 16 -19.27 -20.11 10.97
C LEU B 16 -20.11 -20.57 12.15
N LEU B 17 -21.30 -21.12 11.92
CA LEU B 17 -22.05 -21.74 13.01
C LEU B 17 -21.51 -23.12 13.34
N ALA B 18 -21.23 -23.93 12.31
CA ALA B 18 -20.75 -25.28 12.54
C ALA B 18 -19.35 -25.27 13.15
N GLU B 19 -18.44 -24.49 12.57
CA GLU B 19 -17.06 -24.39 13.05
C GLU B 19 -16.80 -22.95 13.47
N PRO B 20 -17.25 -22.55 14.66
CA PRO B 20 -17.02 -21.16 15.11
C PRO B 20 -15.55 -20.90 15.36
N VAL B 21 -15.21 -19.62 15.34
CA VAL B 21 -13.86 -19.18 15.70
C VAL B 21 -13.83 -18.97 17.21
N PRO B 22 -12.89 -19.57 17.93
CA PRO B 22 -12.87 -19.41 19.39
C PRO B 22 -12.75 -17.95 19.78
N GLY B 23 -13.64 -17.53 20.68
CA GLY B 23 -13.72 -16.14 21.09
C GLY B 23 -14.60 -15.26 20.23
N ILE B 24 -15.20 -15.82 19.17
CA ILE B 24 -15.97 -15.03 18.20
C ILE B 24 -17.27 -15.78 17.90
N LYS B 25 -18.39 -15.07 18.02
CA LYS B 25 -19.70 -15.60 17.65
C LYS B 25 -20.27 -14.74 16.54
N ALA B 26 -20.72 -15.39 15.47
CA ALA B 26 -21.27 -14.69 14.31
C ALA B 26 -22.44 -15.50 13.77
N GLU B 27 -23.64 -14.93 13.83
CA GLU B 27 -24.82 -15.56 13.28
C GLU B 27 -25.64 -14.53 12.51
N PRO B 28 -26.27 -14.94 11.42
CA PRO B 28 -26.95 -13.97 10.55
C PRO B 28 -28.19 -13.38 11.19
N ASP B 29 -28.56 -12.20 10.71
CA ASP B 29 -29.76 -11.53 11.18
C ASP B 29 -31.01 -12.28 10.71
N GLU B 30 -32.07 -12.17 11.52
CA GLU B 30 -33.29 -12.92 11.23
C GLU B 30 -33.93 -12.46 9.93
N SER B 31 -33.85 -11.18 9.62
CA SER B 31 -34.52 -10.63 8.44
C SER B 31 -33.60 -10.46 7.24
N ASN B 32 -32.28 -10.44 7.45
CA ASN B 32 -31.33 -10.16 6.36
C ASN B 32 -30.16 -11.13 6.48
N ALA B 33 -30.03 -12.02 5.49
CA ALA B 33 -28.95 -12.99 5.48
C ALA B 33 -27.59 -12.35 5.26
N ARG B 34 -27.54 -11.07 4.85
CA ARG B 34 -26.29 -10.36 4.64
C ARG B 34 -25.87 -9.54 5.85
N TYR B 35 -26.70 -9.46 6.88
CA TYR B 35 -26.37 -8.76 8.11
C TYR B 35 -26.01 -9.76 9.19
N PHE B 36 -24.93 -9.48 9.92
CA PHE B 36 -24.42 -10.39 10.93
C PHE B 36 -24.26 -9.64 12.24
N HIS B 37 -24.68 -10.28 13.33
CA HIS B 37 -24.48 -9.78 14.67
C HIS B 37 -23.34 -10.57 15.30
N VAL B 38 -22.27 -9.88 15.67
CA VAL B 38 -21.01 -10.49 16.07
C VAL B 38 -20.73 -10.17 17.53
N VAL B 39 -20.22 -11.15 18.26
CA VAL B 39 -19.70 -10.94 19.61
C VAL B 39 -18.28 -11.48 19.63
N ILE B 40 -17.33 -10.62 19.95
CA ILE B 40 -15.92 -11.00 20.07
C ILE B 40 -15.51 -10.83 21.52
N ALA B 41 -15.02 -11.91 22.12
CA ALA B 41 -14.53 -11.83 23.49
C ALA B 41 -13.22 -11.04 23.54
N GLY B 42 -13.04 -10.30 24.62
CA GLY B 42 -11.79 -9.60 24.85
C GLY B 42 -10.66 -10.59 25.08
N PRO B 43 -9.64 -10.52 24.23
CA PRO B 43 -8.54 -11.47 24.34
C PRO B 43 -7.79 -11.31 25.65
N GLN B 44 -7.34 -12.43 26.21
CA GLN B 44 -6.56 -12.35 27.43
C GLN B 44 -5.20 -11.75 27.15
N ASP B 45 -4.53 -11.34 28.23
CA ASP B 45 -3.28 -10.60 28.14
C ASP B 45 -3.43 -9.35 27.28
N SER B 46 -4.62 -8.75 27.33
CA SER B 46 -4.96 -7.51 26.67
C SER B 46 -5.85 -6.71 27.61
N PRO B 47 -5.87 -5.38 27.49
CA PRO B 47 -6.72 -4.58 28.38
C PRO B 47 -8.21 -4.87 28.24
N PHE B 48 -8.62 -5.68 27.27
CA PHE B 48 -10.02 -6.00 27.03
C PHE B 48 -10.41 -7.36 27.58
N GLU B 49 -9.53 -8.02 28.31
CA GLU B 49 -9.81 -9.34 28.88
C GLU B 49 -11.06 -9.30 29.75
N GLY B 50 -11.83 -10.38 29.70
CA GLY B 50 -13.07 -10.46 30.44
C GLY B 50 -14.21 -9.65 29.86
N GLY B 51 -14.02 -9.01 28.71
CA GLY B 51 -15.04 -8.21 28.09
C GLY B 51 -15.70 -8.93 26.92
N THR B 52 -16.92 -8.50 26.60
CA THR B 52 -17.67 -8.98 25.46
C THR B 52 -18.02 -7.79 24.58
N PHE B 53 -17.67 -7.85 23.30
CA PHE B 53 -17.79 -6.72 22.40
C PHE B 53 -18.77 -7.04 21.28
N LYS B 54 -19.83 -6.26 21.20
CA LYS B 54 -20.83 -6.40 20.14
C LYS B 54 -20.39 -5.65 18.90
N LEU B 55 -20.43 -6.32 17.76
CA LEU B 55 -20.19 -5.71 16.46
C LEU B 55 -21.34 -6.04 15.53
N GLU B 56 -21.39 -5.31 14.42
CA GLU B 56 -22.30 -5.61 13.32
C GLU B 56 -21.47 -5.68 12.05
N LEU B 57 -21.70 -6.73 11.26
CA LEU B 57 -20.98 -6.97 10.02
C LEU B 57 -21.99 -7.03 8.88
N PHE B 58 -21.82 -6.15 7.89
CA PHE B 58 -22.73 -6.08 6.75
C PHE B 58 -22.00 -6.46 5.48
N LEU B 59 -22.63 -7.33 4.69
CA LEU B 59 -22.11 -7.69 3.38
C LEU B 59 -22.80 -6.84 2.32
N PRO B 60 -22.12 -5.89 1.69
CA PRO B 60 -22.76 -5.14 0.60
C PRO B 60 -23.15 -6.07 -0.54
N GLU B 61 -24.05 -5.58 -1.40
CA GLU B 61 -24.44 -6.36 -2.57
C GLU B 61 -23.25 -6.72 -3.44
N GLU B 62 -22.17 -5.98 -3.27
CA GLU B 62 -20.89 -6.25 -4.00
C GLU B 62 -19.91 -6.82 -2.97
N TYR B 63 -20.42 -7.40 -1.89
CA TYR B 63 -19.58 -7.98 -0.80
C TYR B 63 -18.52 -8.90 -1.41
N PRO B 64 -18.95 -9.87 -2.25
CA PRO B 64 -18.04 -10.81 -2.91
C PRO B 64 -16.86 -10.07 -3.56
N MET B 65 -17.09 -9.01 -4.27
CA MET B 65 -15.97 -8.30 -4.90
C MET B 65 -15.64 -7.10 -4.02
N ALA B 66 -16.46 -6.82 -3.07
CA ALA B 66 -16.22 -5.65 -2.18
C ALA B 66 -15.74 -6.12 -0.81
N ALA B 67 -15.46 -5.21 0.09
CA ALA B 67 -14.98 -5.56 1.45
C ALA B 67 -16.12 -5.37 2.47
N PRO B 68 -16.48 -6.43 3.21
CA PRO B 68 -17.54 -6.40 4.22
C PRO B 68 -17.38 -5.20 5.17
N LYS B 69 -18.46 -4.46 5.41
CA LYS B 69 -18.40 -3.31 6.30
C LYS B 69 -18.69 -3.77 7.72
N VAL B 70 -17.82 -3.36 8.64
CA VAL B 70 -17.89 -3.80 10.04
C VAL B 70 -17.90 -2.56 10.93
N ARG B 71 -18.61 -2.66 12.05
CA ARG B 71 -18.66 -1.56 12.98
C ARG B 71 -18.84 -2.09 14.40
N PHE B 72 -18.07 -1.54 15.34
CA PHE B 72 -18.25 -1.85 16.75
C PHE B 72 -19.52 -1.21 17.27
N MET B 73 -20.33 -1.99 17.97
CA MET B 73 -21.45 -1.42 18.70
C MET B 73 -21.05 -1.06 20.13
N THR B 74 -20.34 -1.95 20.80
CA THR B 74 -19.85 -1.69 22.16
C THR B 74 -18.80 -0.58 22.14
N LYS B 75 -18.89 0.31 23.12
CA LYS B 75 -17.91 1.37 23.26
C LYS B 75 -16.57 0.78 23.70
N ILE B 76 -15.50 1.18 23.03
CA ILE B 76 -14.18 0.59 23.26
C ILE B 76 -13.12 1.69 23.17
N TYR B 77 -12.12 1.61 24.05
CA TYR B 77 -10.99 2.55 24.07
C TYR B 77 -9.84 1.90 23.31
N HIS B 78 -9.79 2.14 22.01
CA HIS B 78 -8.84 1.51 21.11
C HIS B 78 -8.43 2.52 20.03
N PRO B 79 -7.14 2.71 19.79
CA PRO B 79 -6.71 3.75 18.84
C PRO B 79 -7.09 3.47 17.38
N ASN B 80 -7.58 2.27 17.06
CA ASN B 80 -7.93 1.92 15.69
C ASN B 80 -9.43 1.73 15.52
N VAL B 81 -10.21 2.38 16.39
CA VAL B 81 -11.67 2.38 16.30
C VAL B 81 -12.13 3.81 16.57
N ASP B 82 -12.78 4.43 15.58
CA ASP B 82 -13.23 5.80 15.78
C ASP B 82 -14.47 5.82 16.68
N LYS B 83 -14.96 7.03 16.97
CA LYS B 83 -16.10 7.20 17.88
C LYS B 83 -17.40 6.66 17.30
N LEU B 84 -17.45 6.37 16.00
CA LEU B 84 -18.58 5.70 15.41
C LEU B 84 -18.47 4.18 15.46
N GLY B 85 -17.32 3.66 15.90
CA GLY B 85 -17.11 2.22 15.95
C GLY B 85 -16.51 1.63 14.70
N ARG B 86 -15.96 2.45 13.81
CA ARG B 86 -15.48 2.00 12.52
C ARG B 86 -14.04 1.51 12.59
N ILE B 87 -13.73 0.50 11.78
CA ILE B 87 -12.42 -0.15 11.75
C ILE B 87 -11.84 0.00 10.35
N CYS B 88 -10.54 0.28 10.29
CA CYS B 88 -9.83 0.35 9.01
C CYS B 88 -9.54 -1.07 8.53
N LEU B 89 -10.27 -1.52 7.51
CA LEU B 89 -10.01 -2.82 6.89
C LEU B 89 -8.79 -2.73 5.97
N ASP B 90 -7.65 -2.47 6.61
CA ASP B 90 -6.42 -2.14 5.90
C ASP B 90 -5.94 -3.30 5.04
N ILE B 91 -5.66 -3.01 3.77
CA ILE B 91 -4.94 -3.91 2.87
C ILE B 91 -3.88 -3.07 2.19
N LEU B 92 -2.62 -3.36 2.49
CA LEU B 92 -1.51 -2.50 2.09
C LEU B 92 -0.87 -3.02 0.82
N LYS B 93 -0.66 -2.10 -0.11
CA LYS B 93 -0.03 -2.41 -1.41
C LYS B 93 -0.83 -3.51 -2.12
N ASP B 94 -2.16 -3.58 -1.89
CA ASP B 94 -3.05 -4.52 -2.56
C ASP B 94 -4.47 -4.11 -2.22
N LYS B 95 -5.43 -4.71 -2.93
CA LYS B 95 -6.84 -4.42 -2.75
C LYS B 95 -7.55 -5.67 -2.21
N TRP B 96 -8.83 -5.48 -1.85
CA TRP B 96 -9.64 -6.61 -1.41
C TRP B 96 -9.88 -7.56 -2.58
N SER B 97 -9.56 -8.82 -2.36
CA SER B 97 -9.80 -9.88 -3.33
C SER B 97 -10.81 -10.88 -2.77
N PRO B 98 -11.58 -11.57 -3.63
CA PRO B 98 -12.47 -12.63 -3.13
C PRO B 98 -11.75 -13.79 -2.46
N ALA B 99 -10.42 -13.79 -2.39
CA ALA B 99 -9.70 -14.80 -1.63
C ALA B 99 -9.80 -14.56 -0.13
N LEU B 100 -10.35 -13.44 0.30
CA LEU B 100 -10.59 -13.14 1.70
C LEU B 100 -12.06 -13.39 2.02
N GLN B 101 -12.32 -13.72 3.29
CA GLN B 101 -13.65 -14.15 3.72
C GLN B 101 -14.11 -13.34 4.91
N ILE B 102 -15.31 -13.67 5.39
CA ILE B 102 -15.81 -13.10 6.64
C ILE B 102 -14.88 -13.48 7.80
N ARG B 103 -14.51 -14.77 7.87
CA ARG B 103 -13.67 -15.23 8.98
C ARG B 103 -12.33 -14.52 8.99
N THR B 104 -11.79 -14.18 7.82
CA THR B 104 -10.55 -13.40 7.76
C THR B 104 -10.73 -12.03 8.41
N VAL B 105 -11.89 -11.40 8.19
CA VAL B 105 -12.16 -10.12 8.83
C VAL B 105 -12.31 -10.29 10.34
N LEU B 106 -13.07 -11.29 10.76
CA LEU B 106 -13.31 -11.51 12.18
C LEU B 106 -12.01 -11.77 12.93
N LEU B 107 -11.14 -12.60 12.36
CA LEU B 107 -9.83 -12.82 12.96
C LEU B 107 -9.02 -11.53 13.02
N SER B 108 -9.22 -10.63 12.04
CA SER B 108 -8.45 -9.39 12.02
C SER B 108 -8.81 -8.48 13.17
N ILE B 109 -10.11 -8.30 13.42
CA ILE B 109 -10.56 -7.49 14.56
C ILE B 109 -10.04 -8.09 15.85
N GLN B 110 -10.17 -9.41 16.00
CA GLN B 110 -9.66 -10.09 17.19
C GLN B 110 -8.16 -9.85 17.36
N ALA B 111 -7.39 -9.99 16.29
CA ALA B 111 -5.97 -9.70 16.36
C ALA B 111 -5.72 -8.23 16.65
N LEU B 112 -6.55 -7.34 16.09
CA LEU B 112 -6.37 -5.91 16.33
C LEU B 112 -6.57 -5.56 17.80
N LEU B 113 -7.53 -6.20 18.46
CA LEU B 113 -7.76 -5.97 19.88
C LEU B 113 -6.55 -6.35 20.72
N SER B 114 -5.69 -7.19 20.20
CA SER B 114 -4.50 -7.67 20.95
C SER B 114 -3.25 -6.91 20.51
N ALA B 115 -3.32 -6.10 19.48
CA ALA B 115 -2.16 -5.34 19.00
C ALA B 115 -2.61 -3.99 18.50
N PRO B 116 -2.87 -3.05 19.42
CA PRO B 116 -3.17 -1.67 19.01
C PRO B 116 -2.00 -1.04 18.27
N ASN B 117 -2.34 -0.24 17.24
CA ASN B 117 -1.35 0.39 16.36
C ASN B 117 -1.51 1.90 16.47
N PRO B 118 -0.88 2.53 17.46
CA PRO B 118 -1.07 3.99 17.64
C PRO B 118 -0.45 4.81 16.53
N ASP B 119 0.65 4.34 15.91
CA ASP B 119 1.25 5.06 14.79
C ASP B 119 0.36 5.07 13.56
N ASP B 120 -0.75 4.33 13.58
CA ASP B 120 -1.73 4.33 12.50
C ASP B 120 -3.10 4.59 13.12
N PRO B 121 -3.35 5.83 13.56
CA PRO B 121 -4.49 6.08 14.43
C PRO B 121 -5.80 6.27 13.68
N LEU B 122 -6.89 5.98 14.38
CA LEU B 122 -8.24 6.40 14.01
C LEU B 122 -8.91 7.23 15.08
N ALA B 123 -8.51 7.07 16.33
CA ALA B 123 -8.89 7.95 17.43
C ALA B 123 -7.62 8.65 17.88
N ASN B 124 -7.40 9.87 17.37
CA ASN B 124 -6.12 10.54 17.56
C ASN B 124 -5.86 10.85 19.03
N ASP B 125 -6.89 11.29 19.75
CA ASP B 125 -6.73 11.55 21.19
C ASP B 125 -6.42 10.27 21.95
N VAL B 126 -7.00 9.14 21.52
CA VAL B 126 -6.69 7.85 22.14
C VAL B 126 -5.28 7.41 21.78
N ALA B 127 -4.93 7.50 20.50
CA ALA B 127 -3.58 7.15 20.07
C ALA B 127 -2.54 8.11 20.62
N GLU B 128 -2.94 9.36 20.90
CA GLU B 128 -2.04 10.28 21.59
C GLU B 128 -1.65 9.71 22.95
N GLN B 129 -2.62 9.14 23.67
CA GLN B 129 -2.35 8.57 24.98
C GLN B 129 -1.59 7.25 24.87
N TRP B 130 -1.87 6.47 23.83
CA TRP B 130 -1.22 5.14 23.65
C TRP B 130 0.28 5.29 23.39
N LYS B 131 0.73 6.45 22.91
CA LYS B 131 2.14 6.66 22.61
C LYS B 131 2.87 7.34 23.78
N THR B 132 2.29 8.41 24.33
CA THR B 132 2.97 9.16 25.39
C THR B 132 2.81 8.53 26.75
N ASN B 133 1.68 7.84 27.00
CA ASN B 133 1.38 7.25 28.31
C ASN B 133 0.63 5.93 28.08
N GLU B 134 1.35 4.94 27.53
CA GLU B 134 0.72 3.66 27.21
C GLU B 134 0.15 2.98 28.46
N ALA B 135 0.85 3.10 29.59
CA ALA B 135 0.40 2.44 30.82
C ALA B 135 -0.90 3.03 31.35
N GLN B 136 -1.19 4.29 31.04
CA GLN B 136 -2.47 4.90 31.42
C GLN B 136 -3.53 4.76 30.34
N ALA B 137 -3.14 4.66 29.08
CA ALA B 137 -4.10 4.29 28.04
C ALA B 137 -4.65 2.89 28.29
N ILE B 138 -3.76 1.93 28.58
CA ILE B 138 -4.20 0.59 28.93
C ILE B 138 -5.08 0.62 30.17
N GLU B 139 -4.73 1.47 31.14
CA GLU B 139 -5.55 1.62 32.33
C GLU B 139 -6.94 2.13 31.98
N THR B 140 -7.03 3.05 31.01
CA THR B 140 -8.34 3.55 30.59
C THR B 140 -9.11 2.47 29.83
N ALA B 141 -8.43 1.72 28.97
CA ALA B 141 -9.10 0.67 28.21
C ALA B 141 -9.70 -0.39 29.13
N ARG B 142 -8.97 -0.76 30.19
CA ARG B 142 -9.51 -1.73 31.15
C ARG B 142 -10.74 -1.18 31.85
N ALA B 143 -10.75 0.13 32.13
CA ALA B 143 -11.91 0.74 32.77
C ALA B 143 -13.13 0.72 31.86
N TRP B 144 -12.93 1.02 30.57
CA TRP B 144 -14.03 0.96 29.62
C TRP B 144 -14.55 -0.46 29.45
N THR B 145 -13.66 -1.45 29.58
CA THR B 145 -14.08 -2.84 29.45
C THR B 145 -15.10 -3.21 30.53
N ARG B 146 -14.88 -2.73 31.75
CA ARG B 146 -15.82 -3.01 32.85
C ARG B 146 -17.10 -2.23 32.67
N LEU B 147 -17.01 -0.97 32.25
CA LEU B 147 -18.21 -0.13 32.12
C LEU B 147 -19.14 -0.65 31.03
N TYR B 148 -18.59 -0.88 29.83
CA TYR B 148 -19.41 -1.07 28.64
C TYR B 148 -19.41 -2.49 28.09
N ALA B 149 -18.40 -3.30 28.40
CA ALA B 149 -18.23 -4.60 27.75
C ALA B 149 -18.41 -5.77 28.71
N MET B 150 -19.15 -5.58 29.80
CA MET B 150 -19.51 -6.68 30.68
C MET B 150 -21.01 -6.70 30.90
N ASN B 151 -21.60 -7.89 30.82
CA ASN B 151 -23.05 -8.09 30.93
C ASN B 151 -23.82 -7.38 29.82
N ASN B 152 -23.14 -7.04 28.72
CA ASN B 152 -23.80 -6.41 27.59
C ASN B 152 -24.47 -7.42 26.66
N ILE B 153 -24.27 -8.72 26.89
CA ILE B 153 -24.85 -9.76 26.05
C ILE B 153 -25.66 -10.74 26.90
N MET C 2 -4.31 16.88 -23.82
CA MET C 2 -4.53 17.39 -22.48
C MET C 2 -3.25 17.31 -21.62
N GLN C 3 -3.11 18.27 -20.71
CA GLN C 3 -1.96 18.40 -19.82
C GLN C 3 -2.41 18.67 -18.40
N ILE C 4 -1.90 17.87 -17.46
CA ILE C 4 -2.08 18.15 -16.04
C ILE C 4 -0.72 18.18 -15.38
N PHE C 5 -0.63 18.94 -14.28
CA PHE C 5 0.58 19.05 -13.50
C PHE C 5 0.44 18.23 -12.23
N VAL C 6 1.53 17.59 -11.83
CA VAL C 6 1.58 16.83 -10.58
C VAL C 6 2.69 17.44 -9.73
N LYS C 7 2.28 18.12 -8.65
CA LYS C 7 3.19 18.80 -7.74
C LYS C 7 3.41 17.93 -6.49
N THR C 8 4.58 18.11 -5.88
CA THR C 8 4.92 17.38 -4.65
C THR C 8 5.28 18.37 -3.56
N LEU C 9 5.53 17.84 -2.36
CA LEU C 9 5.80 18.66 -1.19
C LEU C 9 7.13 19.39 -1.27
N THR C 10 8.05 18.93 -2.10
CA THR C 10 9.33 19.60 -2.27
C THR C 10 9.32 20.65 -3.36
N GLY C 11 8.19 20.81 -4.06
CA GLY C 11 8.08 21.74 -5.16
C GLY C 11 8.26 21.10 -6.52
N LYS C 12 8.81 19.89 -6.58
CA LYS C 12 9.03 19.22 -7.86
C LYS C 12 7.72 19.03 -8.60
N THR C 13 7.61 19.67 -9.76
CA THR C 13 6.39 19.61 -10.58
C THR C 13 6.70 18.90 -11.88
N ILE C 14 5.79 18.00 -12.27
CA ILE C 14 5.91 17.27 -13.52
C ILE C 14 4.66 17.49 -14.34
N THR C 15 4.81 17.35 -15.66
CA THR C 15 3.69 17.43 -16.59
C THR C 15 3.42 16.05 -17.15
N LEU C 16 2.14 15.68 -17.16
CA LEU C 16 1.67 14.42 -17.72
C LEU C 16 0.72 14.71 -18.87
N GLU C 17 0.86 13.93 -19.93
CA GLU C 17 -0.05 14.00 -21.06
C GLU C 17 -1.17 13.00 -20.81
N VAL C 18 -2.36 13.51 -20.51
CA VAL C 18 -3.50 12.67 -20.12
C VAL C 18 -4.64 12.85 -21.11
N GLU C 19 -5.66 12.04 -20.94
CA GLU C 19 -6.95 12.28 -21.58
C GLU C 19 -8.02 12.43 -20.50
N PRO C 20 -9.09 13.19 -20.76
CA PRO C 20 -10.11 13.36 -19.72
C PRO C 20 -10.77 12.06 -19.29
N SER C 21 -10.51 10.95 -19.98
CA SER C 21 -11.09 9.66 -19.65
C SER C 21 -10.08 8.68 -19.04
N ASP C 22 -8.88 9.16 -18.70
CA ASP C 22 -7.91 8.32 -18.02
C ASP C 22 -8.30 8.17 -16.55
N THR C 23 -8.26 6.94 -16.05
CA THR C 23 -8.61 6.70 -14.65
C THR C 23 -7.43 7.07 -13.75
N ILE C 24 -7.72 7.15 -12.45
CA ILE C 24 -6.70 7.50 -11.47
C ILE C 24 -5.59 6.45 -11.45
N GLU C 25 -5.93 5.20 -11.74
CA GLU C 25 -4.91 4.15 -11.81
C GLU C 25 -3.94 4.40 -12.94
N ASN C 26 -4.43 4.91 -14.07
CA ASN C 26 -3.57 5.16 -15.22
C ASN C 26 -2.67 6.35 -14.99
N VAL C 27 -3.22 7.44 -14.43
CA VAL C 27 -2.38 8.61 -14.13
C VAL C 27 -1.32 8.24 -13.10
N LYS C 28 -1.64 7.34 -12.18
CA LYS C 28 -0.61 6.81 -11.27
C LYS C 28 0.46 6.07 -12.04
N ALA C 29 0.05 5.20 -12.98
CA ALA C 29 1.02 4.51 -13.81
C ALA C 29 1.84 5.47 -14.65
N LYS C 30 1.23 6.57 -15.09
CA LYS C 30 1.98 7.57 -15.84
C LYS C 30 3.01 8.28 -14.95
N ILE C 31 2.69 8.46 -13.68
CA ILE C 31 3.69 8.93 -12.73
C ILE C 31 4.79 7.88 -12.56
N GLN C 32 4.42 6.59 -12.59
CA GLN C 32 5.42 5.54 -12.52
C GLN C 32 6.35 5.60 -13.72
N ASP C 33 5.83 5.97 -14.89
CA ASP C 33 6.69 6.12 -16.07
C ASP C 33 7.72 7.21 -15.85
N LYS C 34 7.28 8.39 -15.42
CA LYS C 34 8.19 9.52 -15.23
C LYS C 34 9.12 9.30 -14.04
N GLU C 35 8.60 8.84 -12.89
CA GLU C 35 9.36 8.84 -11.65
C GLU C 35 9.84 7.47 -11.16
N GLY C 36 9.32 6.37 -11.69
CA GLY C 36 9.70 5.08 -11.13
C GLY C 36 9.10 4.78 -9.77
N ILE C 37 8.03 5.48 -9.42
CA ILE C 37 7.33 5.25 -8.16
C ILE C 37 6.16 4.31 -8.45
N PRO C 38 6.14 3.11 -7.88
CA PRO C 38 5.01 2.21 -8.10
C PRO C 38 3.72 2.83 -7.58
N PRO C 39 2.62 2.70 -8.34
CA PRO C 39 1.37 3.36 -7.92
C PRO C 39 0.88 2.95 -6.54
N ASP C 40 1.25 1.77 -6.05
CA ASP C 40 0.94 1.38 -4.68
C ASP C 40 1.65 2.25 -3.65
N GLN C 41 2.60 3.09 -4.07
CA GLN C 41 3.33 3.99 -3.20
C GLN C 41 2.90 5.44 -3.40
N GLN C 42 1.69 5.67 -3.89
CA GLN C 42 1.23 7.01 -4.25
C GLN C 42 -0.14 7.30 -3.65
N ARG C 43 -0.37 8.57 -3.36
CA ARG C 43 -1.71 9.09 -3.15
C ARG C 43 -1.82 10.42 -3.88
N LEU C 44 -2.88 10.59 -4.65
CA LEU C 44 -3.10 11.81 -5.42
C LEU C 44 -4.23 12.61 -4.79
N ILE C 45 -3.98 13.91 -4.58
CA ILE C 45 -4.97 14.82 -4.02
C ILE C 45 -5.29 15.88 -5.06
N PHE C 46 -6.56 16.24 -5.17
CA PHE C 46 -6.99 17.34 -6.02
C PHE C 46 -7.99 18.19 -5.25
N ALA C 47 -7.66 19.46 -5.04
CA ALA C 47 -8.53 20.40 -4.33
C ALA C 47 -8.94 19.86 -2.96
N GLY C 48 -7.99 19.21 -2.28
CA GLY C 48 -8.24 18.64 -0.97
C GLY C 48 -8.85 17.26 -0.99
N LYS C 49 -9.55 16.89 -2.05
CA LYS C 49 -10.22 15.60 -2.11
C LYS C 49 -9.24 14.51 -2.56
N GLN C 50 -9.34 13.34 -1.93
CA GLN C 50 -8.48 12.21 -2.25
C GLN C 50 -9.00 11.49 -3.48
N LEU C 51 -8.16 11.34 -4.50
CA LEU C 51 -8.55 10.68 -5.75
C LEU C 51 -8.52 9.17 -5.57
N GLU C 52 -9.64 8.52 -5.89
CA GLU C 52 -9.79 7.09 -5.68
C GLU C 52 -9.57 6.32 -6.98
N ASP C 53 -9.03 5.11 -6.83
CA ASP C 53 -8.94 4.20 -7.96
C ASP C 53 -10.34 3.77 -8.39
N GLY C 54 -10.55 3.71 -9.71
CA GLY C 54 -11.81 3.32 -10.30
C GLY C 54 -12.56 4.47 -10.95
N ARG C 55 -12.28 5.70 -10.52
CA ARG C 55 -12.91 6.89 -11.07
C ARG C 55 -11.97 7.57 -12.05
N THR C 56 -12.53 8.51 -12.82
CA THR C 56 -11.81 9.13 -13.93
C THR C 56 -11.48 10.58 -13.59
N LEU C 57 -10.67 11.20 -14.47
CA LEU C 57 -10.35 12.60 -14.31
C LEU C 57 -11.57 13.48 -14.55
N SER C 58 -12.42 13.09 -15.50
CA SER C 58 -13.64 13.83 -15.77
C SER C 58 -14.60 13.80 -14.60
N ASP C 59 -14.51 12.79 -13.73
CA ASP C 59 -15.37 12.73 -12.56
C ASP C 59 -15.03 13.83 -11.58
N TYR C 60 -13.79 13.84 -11.08
CA TYR C 60 -13.31 14.89 -10.18
C TYR C 60 -13.21 16.24 -10.88
N ASN C 61 -13.45 16.30 -12.19
CA ASN C 61 -13.42 17.54 -12.97
C ASN C 61 -12.03 18.16 -12.94
N ILE C 62 -11.09 17.44 -13.54
CA ILE C 62 -9.73 17.91 -13.73
C ILE C 62 -9.62 18.46 -15.14
N GLN C 63 -9.44 19.77 -15.26
CA GLN C 63 -9.33 20.42 -16.56
C GLN C 63 -7.87 20.49 -16.98
N LYS C 64 -7.62 21.06 -18.16
CA LYS C 64 -6.26 21.29 -18.60
C LYS C 64 -5.59 22.33 -17.72
N GLU C 65 -4.28 22.15 -17.52
CA GLU C 65 -3.44 22.97 -16.64
C GLU C 65 -3.82 22.84 -15.16
N SER C 66 -4.65 21.87 -14.80
CA SER C 66 -4.94 21.60 -13.40
C SER C 66 -3.77 20.88 -12.75
N THR C 67 -3.47 21.25 -11.51
CA THR C 67 -2.33 20.71 -10.78
C THR C 67 -2.81 19.75 -9.71
N LEU C 68 -2.27 18.53 -9.74
CA LEU C 68 -2.54 17.51 -8.73
C LEU C 68 -1.40 17.46 -7.73
N HIS C 69 -1.71 17.05 -6.51
CA HIS C 69 -0.70 16.95 -5.45
C HIS C 69 -0.36 15.48 -5.21
N LEU C 70 0.92 15.14 -5.36
CA LEU C 70 1.41 13.79 -5.15
C LEU C 70 1.89 13.68 -3.71
N VAL C 71 1.15 12.94 -2.89
CA VAL C 71 1.52 12.70 -1.50
C VAL C 71 2.38 11.46 -1.45
N LEU C 72 3.54 11.57 -0.80
CA LEU C 72 4.49 10.47 -0.69
C LEU C 72 4.73 10.09 0.76
N ARG C 73 3.79 10.40 1.65
CA ARG C 73 3.88 9.94 3.03
C ARG C 73 2.48 9.79 3.58
N LEU C 74 2.15 8.58 4.04
CA LEU C 74 0.90 8.29 4.72
C LEU C 74 1.23 7.70 6.10
N ARG C 75 0.17 7.44 6.87
CA ARG C 75 0.23 6.80 8.18
C ARG C 75 1.31 5.72 8.30
#